data_4XME
#
_entry.id   4XME
#
_cell.length_a   38.887
_cell.length_b   67.052
_cell.length_c   39.082
_cell.angle_alpha   90.00
_cell.angle_beta   117.35
_cell.angle_gamma   90.00
#
_symmetry.space_group_name_H-M   'P 1 21 1'
#
loop_
_entity.id
_entity.type
_entity.pdbx_description
1 polymer Nitrophorin-7
2 non-polymer 'PROTOPORPHYRIN IX CONTAINING FE'
3 non-polymer 'NITRIC OXIDE'
4 non-polymer GLYCEROL
5 water water
#
_entity_poly.entity_id   1
_entity_poly.type   'polypeptide(L)'
_entity_poly.pdbx_seq_one_letter_code
;PGECSVNVIPKKNLDKAKFFSGTWYETHYLDMDPQATEKFCFSFAPRESGGTVKEALYHFNVDSKVSFYNTGTGPLESNG
AKYTAKFNTVDKKGKEIKPADEKYSYTVTVIEAAKQSALIHICLQEDGKDIGDLYSVLNRNKNALPNKKIKKALNKVSLV
LTKFVVTKDLDCKYDDKFLSSWQK
;
_entity_poly.pdbx_strand_id   A
#
loop_
_chem_comp.id
_chem_comp.type
_chem_comp.name
_chem_comp.formula
GOL non-polymer GLYCEROL 'C3 H8 O3'
HEM non-polymer 'PROTOPORPHYRIN IX CONTAINING FE' 'C34 H32 Fe N4 O4'
NO non-polymer 'NITRIC OXIDE' 'N O'
#
# COMPACT_ATOMS: atom_id res chain seq x y z
N PRO A 1 -4.06 -19.53 8.87
CA PRO A 1 -4.64 -19.41 7.53
C PRO A 1 -4.23 -18.09 6.87
N GLY A 2 -5.07 -17.07 7.01
CA GLY A 2 -4.74 -15.75 6.53
C GLY A 2 -4.18 -14.89 7.64
N GLU A 3 -3.42 -15.52 8.54
CA GLU A 3 -2.86 -14.84 9.70
C GLU A 3 -1.81 -13.81 9.29
N CYS A 4 -1.96 -12.58 9.76
CA CYS A 4 -1.01 -11.53 9.42
C CYS A 4 0.33 -11.70 10.14
N SER A 5 1.40 -11.25 9.49
CA SER A 5 2.74 -11.39 10.00
C SER A 5 2.94 -10.70 11.34
N VAL A 6 3.79 -11.29 12.16
CA VAL A 6 4.24 -10.65 13.38
C VAL A 6 5.54 -9.90 13.06
N ASN A 7 6.02 -9.12 14.02
CA ASN A 7 7.27 -8.38 13.86
C ASN A 7 7.23 -7.35 12.75
N VAL A 8 6.06 -6.74 12.56
CA VAL A 8 5.91 -5.63 11.64
C VAL A 8 6.02 -4.35 12.46
N ILE A 9 7.17 -3.69 12.37
CA ILE A 9 7.50 -2.58 13.25
C ILE A 9 7.35 -1.24 12.54
N PRO A 10 6.47 -0.37 13.04
CA PRO A 10 6.35 0.96 12.43
C PRO A 10 7.64 1.77 12.58
N LYS A 11 8.01 2.49 11.52
CA LYS A 11 9.15 3.39 11.57
C LYS A 11 9.00 4.35 12.73
N LYS A 12 10.09 4.60 13.45
CA LYS A 12 10.06 5.61 14.50
C LYS A 12 10.18 6.98 13.84
N ASN A 13 9.33 7.92 14.23
CA ASN A 13 9.41 9.28 13.72
C ASN A 13 9.36 9.42 12.19
N LEU A 14 8.35 8.83 11.56
CA LEU A 14 8.14 9.03 10.15
C LEU A 14 7.82 10.50 9.88
N ASP A 15 8.39 11.07 8.84
CA ASP A 15 8.01 12.42 8.42
C ASP A 15 6.65 12.34 7.71
N LYS A 16 5.60 12.75 8.39
CA LYS A 16 4.25 12.62 7.87
C LYS A 16 4.00 13.44 6.61
N ALA A 17 4.43 14.70 6.61
CA ALA A 17 4.14 15.56 5.46
C ALA A 17 4.80 15.05 4.19
N LYS A 18 5.96 14.43 4.32
CA LYS A 18 6.63 13.90 3.16
C LYS A 18 6.01 12.57 2.70
N PHE A 19 5.78 11.65 3.63
CA PHE A 19 5.20 10.38 3.22
C PHE A 19 3.77 10.51 2.69
N PHE A 20 2.95 11.28 3.40
CA PHE A 20 1.55 11.46 3.05
C PHE A 20 1.42 12.60 2.04
N SER A 21 2.08 12.44 0.90
CA SER A 21 2.03 13.42 -0.17
C SER A 21 2.34 12.73 -1.48
N GLY A 22 1.93 13.31 -2.59
CA GLY A 22 2.25 12.80 -3.90
C GLY A 22 1.71 11.41 -4.19
N THR A 23 2.35 10.74 -5.12
CA THR A 23 1.97 9.41 -5.55
C THR A 23 3.10 8.43 -5.28
N TRP A 24 2.75 7.26 -4.73
CA TRP A 24 3.69 6.18 -4.53
C TRP A 24 3.36 5.03 -5.47
N TYR A 25 4.40 4.46 -6.10
CA TYR A 25 4.24 3.27 -6.92
C TYR A 25 4.84 2.06 -6.24
N GLU A 26 4.11 0.96 -6.24
CA GLU A 26 4.69 -0.29 -5.82
C GLU A 26 5.71 -0.73 -6.87
N THR A 27 6.91 -1.11 -6.44
CA THR A 27 7.91 -1.64 -7.37
C THR A 27 8.16 -3.13 -7.15
N HIS A 28 7.95 -3.59 -5.92
CA HIS A 28 8.13 -4.99 -5.55
C HIS A 28 7.06 -5.32 -4.54
N TYR A 29 6.51 -6.52 -4.60
CA TYR A 29 5.60 -6.91 -3.55
C TYR A 29 5.71 -8.38 -3.20
N LEU A 30 5.35 -8.70 -1.98
CA LEU A 30 5.36 -10.07 -1.51
C LEU A 30 4.05 -10.34 -0.81
N ASP A 31 3.19 -11.10 -1.48
CA ASP A 31 1.93 -11.52 -0.91
C ASP A 31 2.26 -12.75 -0.09
N MET A 32 1.83 -12.76 1.17
CA MET A 32 2.18 -13.84 2.07
C MET A 32 1.39 -15.14 1.81
N ASP A 33 0.41 -15.08 0.90
CA ASP A 33 -0.26 -16.29 0.41
C ASP A 33 0.48 -16.75 -0.84
N PRO A 34 1.15 -17.92 -0.78
CA PRO A 34 1.94 -18.36 -1.92
C PRO A 34 1.09 -18.71 -3.14
N GLN A 35 -0.21 -18.92 -2.94
CA GLN A 35 -1.09 -19.20 -4.07
C GLN A 35 -1.70 -17.95 -4.69
N ALA A 36 -1.39 -16.79 -4.14
CA ALA A 36 -1.86 -15.53 -4.71
C ALA A 36 -0.89 -15.11 -5.81
N THR A 37 -1.09 -15.67 -7.00
CA THR A 37 -0.09 -15.56 -8.07
C THR A 37 -0.53 -14.75 -9.28
N GLU A 38 -1.73 -14.19 -9.24
CA GLU A 38 -2.12 -13.23 -10.27
C GLU A 38 -1.22 -12.01 -10.14
N LYS A 39 -0.74 -11.49 -11.26
CA LYS A 39 0.18 -10.36 -11.24
C LYS A 39 -0.57 -9.03 -11.17
N PHE A 40 -0.05 -8.14 -10.34
CA PHE A 40 -0.68 -6.86 -10.09
C PHE A 40 0.28 -5.69 -10.15
N CYS A 41 -0.26 -4.53 -10.50
CA CYS A 41 0.43 -3.26 -10.33
C CYS A 41 -0.41 -2.43 -9.35
N PHE A 42 0.25 -1.59 -8.56
CA PHE A 42 -0.44 -0.83 -7.54
C PHE A 42 0.18 0.55 -7.39
N SER A 43 -0.65 1.55 -7.17
CA SER A 43 -0.17 2.89 -6.85
C SER A 43 -1.19 3.54 -5.92
N PHE A 44 -0.74 4.50 -5.12
CA PHE A 44 -1.67 5.21 -4.26
C PHE A 44 -1.21 6.61 -3.91
N ALA A 45 -2.14 7.40 -3.38
CA ALA A 45 -1.90 8.78 -3.01
C ALA A 45 -2.46 8.99 -1.61
N PRO A 46 -1.62 8.80 -0.57
CA PRO A 46 -2.08 8.92 0.81
C PRO A 46 -1.92 10.33 1.33
N ARG A 47 -2.90 10.80 2.10
CA ARG A 47 -2.87 12.13 2.68
C ARG A 47 -3.26 12.04 4.16
N GLU A 48 -2.79 12.99 4.96
CA GLU A 48 -3.14 12.97 6.38
C GLU A 48 -3.41 14.38 6.85
N SER A 49 -4.40 14.51 7.72
CA SER A 49 -4.72 15.79 8.35
C SER A 49 -5.46 15.52 9.65
N GLY A 50 -5.03 16.16 10.73
CA GLY A 50 -5.72 16.05 12.00
C GLY A 50 -5.80 14.66 12.57
N GLY A 51 -4.87 13.80 12.17
CA GLY A 51 -4.82 12.44 12.71
C GLY A 51 -5.64 11.44 11.91
N THR A 52 -6.22 11.89 10.81
CA THR A 52 -6.98 11.00 9.93
C THR A 52 -6.27 10.88 8.58
N VAL A 53 -6.12 9.64 8.11
CA VAL A 53 -5.58 9.39 6.79
C VAL A 53 -6.72 9.27 5.78
N LYS A 54 -6.59 9.93 4.64
CA LYS A 54 -7.52 9.78 3.50
C LYS A 54 -6.67 9.49 2.27
N GLU A 55 -6.85 8.32 1.69
CA GLU A 55 -6.00 7.90 0.58
C GLU A 55 -6.82 7.42 -0.63
N ALA A 56 -6.28 7.62 -1.82
CA ALA A 56 -6.82 7.08 -3.06
C ALA A 56 -5.94 5.92 -3.49
N LEU A 57 -6.57 4.80 -3.88
CA LEU A 57 -5.86 3.58 -4.25
C LEU A 57 -6.17 3.19 -5.69
N TYR A 58 -5.15 2.64 -6.36
CA TYR A 58 -5.28 2.14 -7.72
C TYR A 58 -4.63 0.76 -7.84
N HIS A 59 -5.40 -0.25 -8.26
CA HIS A 59 -4.84 -1.56 -8.56
C HIS A 59 -5.10 -1.89 -10.02
N PHE A 60 -4.16 -2.60 -10.63
CA PHE A 60 -4.34 -3.09 -11.99
C PHE A 60 -3.99 -4.58 -12.03
N ASN A 61 -4.98 -5.40 -12.37
CA ASN A 61 -4.78 -6.83 -12.51
C ASN A 61 -4.20 -7.10 -13.90
N VAL A 62 -2.94 -7.51 -13.94
CA VAL A 62 -2.25 -7.75 -15.20
C VAL A 62 -2.81 -8.98 -15.93
N ASP A 63 -3.21 -10.00 -15.16
CA ASP A 63 -3.79 -11.21 -15.73
C ASP A 63 -5.09 -10.91 -16.50
N SER A 64 -5.96 -10.13 -15.88
CA SER A 64 -7.28 -9.86 -16.44
C SER A 64 -7.39 -8.52 -17.17
N LYS A 65 -6.39 -7.67 -17.00
CA LYS A 65 -6.37 -6.32 -17.57
C LYS A 65 -7.50 -5.42 -17.05
N VAL A 66 -7.95 -5.70 -15.83
CA VAL A 66 -8.97 -4.88 -15.20
C VAL A 66 -8.38 -4.08 -14.03
N SER A 67 -8.69 -2.80 -13.98
CA SER A 67 -8.27 -1.94 -12.89
C SER A 67 -9.42 -1.71 -11.93
N PHE A 68 -9.08 -1.42 -10.67
CA PHE A 68 -10.09 -0.97 -9.73
C PHE A 68 -9.55 0.15 -8.85
N TYR A 69 -10.47 1.03 -8.44
CA TYR A 69 -10.16 2.22 -7.70
C TYR A 69 -10.87 2.20 -6.35
N ASN A 70 -10.17 2.59 -5.30
CA ASN A 70 -10.76 2.67 -3.97
C ASN A 70 -10.35 3.95 -3.27
N THR A 71 -11.09 4.34 -2.24
CA THR A 71 -10.58 5.31 -1.29
C THR A 71 -10.65 4.72 0.11
N GLY A 72 -9.68 5.07 0.95
CA GLY A 72 -9.63 4.55 2.31
C GLY A 72 -9.49 5.70 3.29
N THR A 73 -10.12 5.55 4.45
CA THR A 73 -10.10 6.59 5.48
C THR A 73 -10.01 5.96 6.86
N GLY A 74 -9.12 6.47 7.70
CA GLY A 74 -9.05 5.98 9.07
C GLY A 74 -8.01 6.69 9.91
N PRO A 75 -8.04 6.44 11.22
CA PRO A 75 -7.18 7.11 12.20
C PRO A 75 -5.73 6.66 12.11
N LEU A 76 -4.83 7.63 12.20
CA LEU A 76 -3.40 7.38 12.32
C LEU A 76 -3.09 7.13 13.79
N GLU A 77 -2.36 6.05 14.07
CA GLU A 77 -1.95 5.73 15.43
C GLU A 77 -0.99 6.78 15.98
N SER A 78 -0.84 6.82 17.30
CA SER A 78 0.03 7.80 17.94
C SER A 78 1.49 7.68 17.51
N ASN A 79 1.88 6.49 17.05
CA ASN A 79 3.24 6.31 16.55
C ASN A 79 3.50 7.05 15.23
N GLY A 80 2.43 7.43 14.56
CA GLY A 80 2.54 8.23 13.34
C GLY A 80 2.90 7.46 12.09
N ALA A 81 2.91 6.13 12.15
CA ALA A 81 3.37 5.33 11.01
C ALA A 81 2.53 4.09 10.78
N LYS A 82 1.30 4.11 11.30
CA LYS A 82 0.41 2.96 11.17
C LYS A 82 -1.02 3.48 11.22
N TYR A 83 -1.89 2.94 10.36
CA TYR A 83 -3.27 3.37 10.35
C TYR A 83 -4.20 2.25 9.91
N THR A 84 -5.44 2.32 10.36
CA THR A 84 -6.45 1.31 10.00
C THR A 84 -7.60 2.03 9.32
N ALA A 85 -7.95 1.56 8.13
CA ALA A 85 -8.90 2.28 7.26
C ALA A 85 -10.08 1.43 6.90
N LYS A 86 -11.21 2.10 6.74
CA LYS A 86 -12.36 1.56 6.04
C LYS A 86 -12.27 2.05 4.60
N PHE A 87 -12.89 1.36 3.66
CA PHE A 87 -12.73 1.71 2.26
C PHE A 87 -13.99 1.52 1.42
N ASN A 88 -14.11 2.34 0.38
CA ASN A 88 -15.17 2.17 -0.59
C ASN A 88 -14.58 1.93 -1.96
N THR A 89 -15.44 1.80 -2.97
CA THR A 89 -15.01 1.61 -4.34
C THR A 89 -15.48 2.80 -5.16
N VAL A 90 -14.59 3.42 -5.92
CA VAL A 90 -14.95 4.55 -6.77
C VAL A 90 -14.64 4.27 -8.25
N ASP A 91 -15.17 5.10 -9.14
CA ASP A 91 -14.76 5.02 -10.55
C ASP A 91 -13.57 5.93 -10.80
N LYS A 92 -13.13 6.00 -12.06
CA LYS A 92 -11.96 6.79 -12.41
C LYS A 92 -12.15 8.28 -12.18
N LYS A 93 -13.41 8.71 -12.02
CA LYS A 93 -13.72 10.11 -11.77
C LYS A 93 -13.85 10.42 -10.28
N GLY A 94 -13.70 9.39 -9.45
CA GLY A 94 -13.78 9.56 -8.02
C GLY A 94 -15.18 9.38 -7.44
N LYS A 95 -16.14 9.05 -8.29
CA LYS A 95 -17.53 8.84 -7.85
C LYS A 95 -17.66 7.48 -7.21
N GLU A 96 -18.36 7.42 -6.07
CA GLU A 96 -18.55 6.14 -5.38
C GLU A 96 -19.45 5.23 -6.19
N ILE A 97 -18.97 4.02 -6.48
CA ILE A 97 -19.76 3.04 -7.22
C ILE A 97 -20.12 1.82 -6.36
N LYS A 98 -19.48 1.69 -5.21
CA LYS A 98 -19.87 0.71 -4.21
C LYS A 98 -19.52 1.25 -2.84
N PRO A 99 -20.49 1.28 -1.92
CA PRO A 99 -20.27 1.85 -0.59
C PRO A 99 -19.32 0.99 0.25
N ALA A 100 -18.74 1.59 1.29
CA ALA A 100 -17.94 0.85 2.24
C ALA A 100 -18.78 -0.21 2.94
N ASP A 101 -18.18 -1.37 3.17
CA ASP A 101 -18.76 -2.40 4.02
C ASP A 101 -17.99 -2.38 5.34
N GLU A 102 -18.68 -1.97 6.40
CA GLU A 102 -18.10 -1.75 7.72
C GLU A 102 -17.34 -2.95 8.29
N LYS A 103 -17.65 -4.15 7.82
CA LYS A 103 -16.99 -5.33 8.34
C LYS A 103 -15.56 -5.49 7.81
N TYR A 104 -15.23 -4.79 6.73
CA TYR A 104 -13.88 -4.87 6.14
C TYR A 104 -13.02 -3.69 6.53
N SER A 105 -11.75 -3.97 6.75
CA SER A 105 -10.80 -2.89 6.98
C SER A 105 -9.43 -3.35 6.55
N TYR A 106 -8.47 -2.44 6.57
CA TYR A 106 -7.09 -2.82 6.41
C TYR A 106 -6.22 -1.96 7.29
N THR A 107 -5.05 -2.50 7.62
CA THR A 107 -4.10 -1.79 8.44
C THR A 107 -2.76 -1.69 7.73
N VAL A 108 -2.33 -0.45 7.48
CA VAL A 108 -1.06 -0.18 6.82
C VAL A 108 -0.02 0.21 7.87
N THR A 109 1.14 -0.44 7.82
CA THR A 109 2.27 -0.01 8.63
C THR A 109 3.37 0.45 7.70
N VAL A 110 3.88 1.66 7.95
CA VAL A 110 5.07 2.11 7.23
C VAL A 110 6.29 1.68 8.02
N ILE A 111 6.98 0.65 7.51
CA ILE A 111 8.11 0.05 8.21
C ILE A 111 9.36 0.92 8.06
N GLU A 112 9.57 1.45 6.87
CA GLU A 112 10.76 2.26 6.62
C GLU A 112 10.51 3.23 5.49
N ALA A 113 11.19 4.38 5.52
CA ALA A 113 11.13 5.33 4.43
C ALA A 113 12.50 5.97 4.38
N ALA A 114 13.03 6.12 3.16
CA ALA A 114 14.35 6.71 2.96
C ALA A 114 14.45 7.23 1.55
N LYS A 115 14.91 8.47 1.39
CA LYS A 115 15.00 9.09 0.07
C LYS A 115 13.65 8.99 -0.66
N GLN A 116 13.65 8.38 -1.84
CA GLN A 116 12.40 8.26 -2.60
C GLN A 116 11.79 6.87 -2.52
N SER A 117 12.14 6.14 -1.47
CA SER A 117 11.73 4.74 -1.27
C SER A 117 10.97 4.56 0.03
N ALA A 118 10.14 3.52 0.10
CA ALA A 118 9.53 3.17 1.36
C ALA A 118 9.22 1.68 1.37
N LEU A 119 8.97 1.15 2.55
CA LEU A 119 8.53 -0.23 2.71
C LEU A 119 7.29 -0.22 3.58
N ILE A 120 6.19 -0.78 3.07
CA ILE A 120 4.96 -0.87 3.85
C ILE A 120 4.49 -2.31 3.97
N HIS A 121 3.62 -2.52 4.94
CA HIS A 121 2.97 -3.80 5.14
C HIS A 121 1.49 -3.53 5.26
N ILE A 122 0.66 -4.38 4.66
CA ILE A 122 -0.76 -4.21 4.81
C ILE A 122 -1.40 -5.52 5.31
N CYS A 123 -2.23 -5.40 6.34
CA CYS A 123 -3.00 -6.53 6.85
C CYS A 123 -4.47 -6.27 6.57
N LEU A 124 -5.09 -7.13 5.77
CA LEU A 124 -6.52 -7.03 5.49
C LEU A 124 -7.28 -7.76 6.56
N GLN A 125 -8.41 -7.20 6.98
CA GLN A 125 -9.23 -7.84 8.02
C GLN A 125 -10.72 -7.85 7.69
N GLU A 126 -11.41 -8.79 8.30
CA GLU A 126 -12.86 -8.88 8.23
C GLU A 126 -13.35 -9.13 9.64
N ASP A 127 -14.25 -8.27 10.12
CA ASP A 127 -14.71 -8.30 11.50
C ASP A 127 -13.56 -8.29 12.50
N GLY A 128 -12.51 -7.54 12.17
CA GLY A 128 -11.36 -7.40 13.05
C GLY A 128 -10.46 -8.62 13.13
N LYS A 129 -10.67 -9.57 12.22
CA LYS A 129 -9.84 -10.77 12.17
C LYS A 129 -9.02 -10.81 10.88
N ASP A 130 -7.79 -11.29 10.98
CA ASP A 130 -6.86 -11.33 9.84
C ASP A 130 -7.40 -12.19 8.69
N ILE A 131 -7.34 -11.66 7.47
CA ILE A 131 -7.66 -12.46 6.29
C ILE A 131 -6.52 -12.57 5.27
N GLY A 132 -5.49 -11.75 5.42
CA GLY A 132 -4.35 -11.80 4.52
C GLY A 132 -3.43 -10.61 4.66
N ASP A 133 -2.18 -10.76 4.24
CA ASP A 133 -1.24 -9.66 4.32
C ASP A 133 -0.20 -9.68 3.20
N LEU A 134 0.46 -8.55 3.03
CA LEU A 134 1.39 -8.37 1.93
C LEU A 134 2.39 -7.29 2.33
N TYR A 135 3.61 -7.41 1.84
CA TYR A 135 4.61 -6.36 1.98
C TYR A 135 4.80 -5.71 0.62
N SER A 136 5.08 -4.41 0.60
CA SER A 136 5.37 -3.76 -0.66
C SER A 136 6.46 -2.74 -0.53
N VAL A 137 7.39 -2.78 -1.49
CA VAL A 137 8.37 -1.73 -1.66
C VAL A 137 7.78 -0.67 -2.56
N LEU A 138 7.88 0.59 -2.13
CA LEU A 138 7.32 1.72 -2.86
C LEU A 138 8.43 2.63 -3.35
N ASN A 139 8.17 3.33 -4.45
CA ASN A 139 9.11 4.35 -4.93
C ASN A 139 8.33 5.48 -5.61
N ARG A 140 8.91 6.67 -5.60
CA ARG A 140 8.31 7.80 -6.32
C ARG A 140 8.41 7.58 -7.83
N ASN A 141 9.36 6.75 -8.24
CA ASN A 141 9.60 6.48 -9.65
C ASN A 141 9.35 5.01 -9.94
N LYS A 142 8.47 4.73 -10.90
CA LYS A 142 8.08 3.36 -11.24
C LYS A 142 9.26 2.43 -11.48
N ASN A 143 10.29 2.92 -12.17
CA ASN A 143 11.39 2.04 -12.61
C ASN A 143 12.61 2.04 -11.70
N ALA A 144 12.45 2.55 -10.48
CA ALA A 144 13.59 2.70 -9.56
C ALA A 144 13.76 1.54 -8.58
N LEU A 145 15.00 1.25 -8.23
CA LEU A 145 15.31 0.23 -7.26
C LEU A 145 15.35 0.86 -5.86
N PRO A 146 15.09 0.04 -4.82
CA PRO A 146 14.97 0.56 -3.45
C PRO A 146 16.28 1.00 -2.81
N ASN A 147 16.19 1.99 -1.94
CA ASN A 147 17.29 2.41 -1.08
C ASN A 147 17.71 1.25 -0.18
N LYS A 148 18.98 1.17 0.16
CA LYS A 148 19.48 0.04 0.95
C LYS A 148 18.83 -0.08 2.33
N LYS A 149 18.30 1.03 2.86
CA LYS A 149 17.62 1.00 4.15
C LYS A 149 16.36 0.13 4.12
N ILE A 150 15.73 0.06 2.95
CA ILE A 150 14.56 -0.81 2.79
C ILE A 150 14.99 -2.28 2.87
N LYS A 151 16.09 -2.64 2.22
CA LYS A 151 16.60 -4.01 2.32
C LYS A 151 17.03 -4.36 3.74
N LYS A 152 17.60 -3.38 4.45
CA LYS A 152 17.96 -3.59 5.85
C LYS A 152 16.71 -3.90 6.67
N ALA A 153 15.62 -3.17 6.43
CA ALA A 153 14.38 -3.42 7.14
C ALA A 153 13.83 -4.81 6.85
N LEU A 154 13.91 -5.22 5.58
CA LEU A 154 13.48 -6.55 5.19
C LEU A 154 14.31 -7.62 5.87
N ASN A 155 15.62 -7.41 5.89
CA ASN A 155 16.52 -8.40 6.46
C ASN A 155 16.37 -8.55 7.96
N LYS A 156 15.94 -7.47 8.63
CA LYS A 156 15.73 -7.52 10.08
C LYS A 156 14.66 -8.53 10.45
N VAL A 157 13.73 -8.78 9.52
CA VAL A 157 12.67 -9.76 9.74
C VAL A 157 12.76 -10.95 8.79
N SER A 158 13.98 -11.25 8.35
CA SER A 158 14.28 -12.46 7.57
C SER A 158 13.53 -12.54 6.24
N LEU A 159 13.38 -11.40 5.58
CA LEU A 159 12.87 -11.37 4.21
C LEU A 159 13.99 -10.94 3.28
N VAL A 160 14.01 -11.45 2.06
CA VAL A 160 14.97 -10.98 1.06
C VAL A 160 14.25 -10.52 -0.19
N LEU A 161 14.82 -9.51 -0.83
CA LEU A 161 14.15 -8.83 -1.93
C LEU A 161 13.89 -9.72 -3.14
N THR A 162 14.77 -10.68 -3.41
CA THR A 162 14.58 -11.56 -4.57
C THR A 162 13.28 -12.37 -4.49
N LYS A 163 12.74 -12.54 -3.29
CA LYS A 163 11.50 -13.28 -3.12
C LYS A 163 10.26 -12.50 -3.57
N PHE A 164 10.42 -11.18 -3.74
CA PHE A 164 9.32 -10.31 -4.13
C PHE A 164 9.06 -10.38 -5.64
N VAL A 165 7.80 -10.18 -6.03
CA VAL A 165 7.46 -9.96 -7.43
C VAL A 165 7.94 -8.58 -7.87
N VAL A 166 8.61 -8.52 -9.00
CA VAL A 166 9.09 -7.25 -9.56
C VAL A 166 8.14 -6.83 -10.68
N THR A 167 7.61 -5.62 -10.61
CA THR A 167 6.58 -5.22 -11.58
C THR A 167 7.08 -4.47 -12.81
N LYS A 168 8.33 -4.01 -12.78
CA LYS A 168 8.87 -3.27 -13.93
C LYS A 168 8.88 -4.15 -15.18
N ASP A 169 8.90 -5.47 -14.97
CA ASP A 169 8.86 -6.43 -16.06
C ASP A 169 7.43 -6.67 -16.55
N LEU A 170 6.45 -6.31 -15.73
CA LEU A 170 5.05 -6.56 -16.05
C LEU A 170 4.49 -5.47 -16.96
N ASP A 171 3.49 -5.83 -17.76
CA ASP A 171 2.81 -4.87 -18.60
C ASP A 171 1.80 -4.07 -17.80
N CYS A 172 2.31 -3.14 -16.99
CA CYS A 172 1.46 -2.32 -16.13
C CYS A 172 0.75 -1.21 -16.92
N LYS A 173 -0.49 -0.93 -16.54
CA LYS A 173 -1.20 0.25 -17.01
C LYS A 173 -1.59 1.02 -15.76
N TYR A 174 -1.28 2.31 -15.73
CA TYR A 174 -1.60 3.17 -14.59
C TYR A 174 -2.56 4.29 -14.94
N ASP A 175 -3.43 4.62 -13.99
CA ASP A 175 -4.16 5.87 -14.05
C ASP A 175 -3.48 6.85 -13.11
N ASP A 176 -2.58 7.63 -13.68
CA ASP A 176 -1.80 8.58 -12.88
C ASP A 176 -2.59 9.83 -12.55
N LYS A 177 -3.52 10.20 -13.43
CA LYS A 177 -4.33 11.41 -13.21
C LYS A 177 -5.30 11.26 -12.04
N PHE A 178 -5.89 10.08 -11.89
CA PHE A 178 -6.73 9.79 -10.73
C PHE A 178 -5.97 10.11 -9.44
N LEU A 179 -4.71 9.73 -9.37
CA LEU A 179 -3.92 9.95 -8.16
C LEU A 179 -3.39 11.38 -8.04
N SER A 180 -2.94 11.96 -9.14
CA SER A 180 -2.40 13.32 -9.09
C SER A 180 -3.48 14.33 -8.71
N SER A 181 -4.72 14.05 -9.09
CA SER A 181 -5.84 14.93 -8.81
C SER A 181 -6.50 14.68 -7.44
N TRP A 182 -5.98 13.74 -6.66
CA TRP A 182 -6.56 13.42 -5.35
C TRP A 182 -6.62 14.64 -4.43
N GLN A 183 -7.83 14.94 -3.96
CA GLN A 183 -8.12 16.10 -3.09
C GLN A 183 -7.85 17.46 -3.73
N LYS A 184 -7.74 17.52 -5.05
CA LYS A 184 -7.59 18.79 -5.73
C LYS A 184 -8.95 19.45 -5.95
CHA HEM B . -7.53 -5.96 -2.97
CHB HEM B . -3.06 -6.94 -4.50
CHC HEM B . -1.39 -3.13 -2.04
CHD HEM B . -5.84 -2.17 -0.45
C1A HEM B . -6.46 -6.58 -3.54
C2A HEM B . -6.49 -7.85 -4.23
C3A HEM B . -5.26 -8.12 -4.66
C4A HEM B . -4.40 -7.04 -4.25
CMA HEM B . -4.82 -9.37 -5.44
CAA HEM B . -7.74 -8.70 -4.46
CBA HEM B . -8.30 -8.29 -5.81
CGA HEM B . -9.52 -9.10 -6.15
O1A HEM B . -10.26 -9.51 -5.21
O2A HEM B . -9.76 -9.34 -7.37
C1B HEM B . -2.24 -5.96 -4.03
C2B HEM B . -0.85 -5.79 -4.37
C3B HEM B . -0.38 -4.74 -3.71
C4B HEM B . -1.45 -4.20 -2.90
CMB HEM B . -0.04 -6.68 -5.35
CAB HEM B . 1.09 -4.28 -3.83
CBB HEM B . 1.53 -3.15 -3.28
C1C HEM B . -2.44 -2.57 -1.36
C2C HEM B . -2.36 -1.48 -0.41
C3C HEM B . -3.59 -1.21 0.02
C4C HEM B . -4.49 -2.13 -0.64
CMC HEM B . -1.03 -0.82 -0.03
CAC HEM B . -4.08 -0.14 1.02
CBC HEM B . -3.37 0.96 1.29
C1D HEM B . -6.71 -3.07 -1.01
C2D HEM B . -8.14 -3.02 -0.83
C3D HEM B . -8.67 -4.20 -1.63
C4D HEM B . -7.50 -4.83 -2.19
CMD HEM B . -8.96 -1.99 -0.03
CAD HEM B . -10.14 -4.62 -1.80
CBD HEM B . -10.69 -3.82 -2.98
CGD HEM B . -12.18 -3.97 -3.14
O1D HEM B . -12.79 -3.14 -3.86
O2D HEM B . -12.74 -4.94 -2.56
NA HEM B . -5.17 -6.11 -3.56
NB HEM B . -2.58 -4.97 -3.11
NC HEM B . -3.76 -2.95 -1.46
ND HEM B . -6.36 -4.14 -1.81
FE HEM B . -4.44 -4.55 -2.46
N NO C . -4.30 -5.57 -1.01
O NO C . -3.03 -5.90 -0.37
C1 GOL D . -14.48 5.00 4.38
O1 GOL D . -15.66 4.73 5.10
C2 GOL D . -14.80 5.88 3.19
O2 GOL D . -16.08 5.56 2.69
C3 GOL D . -13.77 5.65 2.09
O3 GOL D . -12.70 6.55 2.20
#